data_4MQB
#
_entry.id   4MQB
#
_cell.length_a   46.134
_cell.length_b   90.457
_cell.length_c   49.524
_cell.angle_alpha   90.00
_cell.angle_beta   101.64
_cell.angle_gamma   90.00
#
_symmetry.space_group_name_H-M   'P 1 21 1'
#
loop_
_entity.id
_entity.type
_entity.pdbx_description
1 polymer 'Thymidylate kinase'
2 non-polymer '2-(N-MORPHOLINO)-ETHANESULFONIC ACID'
3 non-polymer 'TETRAETHYLENE GLYCOL'
4 water water
#
_entity_poly.entity_id   1
_entity_poly.type   'polypeptide(L)'
_entity_poly.pdbx_seq_one_letter_code
;SNA(MSE)SAFITFEGPEGSGKTTVINEVYHRLVKDYDVI(MSE)TREPGGVPTGEEIRKIVLEGND(MSE)DIRTEA
(MSE)LFAASRREHLVLKVIPALKEGKVVLCDRYIDSSLAYQGYARGIGVEEVRALNEFAINGLYPDLTIYLNVSAEVGR
ERIIKNSRDQNRLDQEDLKFHEKVIEGYQEIIHNESQRFKSVNADQPLENVVEDTYQTIIKYLEKI
;
_entity_poly.pdbx_strand_id   A,B
#
# COMPACT_ATOMS: atom_id res chain seq x y z
N SER A 5 -24.16 -16.47 -11.66
CA SER A 5 -23.27 -15.69 -10.78
C SER A 5 -22.58 -16.57 -9.73
N ALA A 6 -21.46 -16.06 -9.24
CA ALA A 6 -20.73 -16.73 -8.19
C ALA A 6 -19.92 -15.71 -7.44
N PHE A 7 -20.03 -15.73 -6.10
CA PHE A 7 -19.31 -14.82 -5.22
C PHE A 7 -18.26 -15.69 -4.53
N ILE A 8 -17.00 -15.48 -4.96
CA ILE A 8 -15.87 -16.28 -4.51
C ILE A 8 -14.91 -15.37 -3.76
N THR A 9 -14.68 -15.70 -2.49
CA THR A 9 -13.76 -14.94 -1.66
C THR A 9 -12.46 -15.76 -1.47
N PHE A 10 -11.38 -15.04 -1.18
CA PHE A 10 -10.05 -15.52 -0.97
C PHE A 10 -9.66 -15.05 0.43
N GLU A 11 -9.21 -16.02 1.20
CA GLU A 11 -8.79 -15.82 2.57
C GLU A 11 -7.46 -16.49 2.87
N GLY A 12 -6.73 -15.91 3.81
CA GLY A 12 -5.48 -16.49 4.25
C GLY A 12 -4.72 -15.43 5.05
N PRO A 13 -3.77 -15.90 5.83
CA PRO A 13 -2.89 -14.96 6.55
C PRO A 13 -1.86 -14.32 5.65
N GLU A 14 -1.17 -13.32 6.17
CA GLU A 14 -0.10 -12.74 5.42
C GLU A 14 0.93 -13.90 5.08
N GLY A 15 1.57 -13.80 3.93
CA GLY A 15 2.59 -14.81 3.52
C GLY A 15 1.98 -16.06 2.85
N SER A 16 0.67 -16.05 2.55
CA SER A 16 0.00 -17.20 1.94
C SER A 16 -0.01 -17.13 0.39
N GLY A 17 0.57 -16.08 -0.20
CA GLY A 17 0.58 -15.93 -1.64
C GLY A 17 -0.71 -15.41 -2.21
N LYS A 18 -1.64 -15.03 -1.33
CA LYS A 18 -2.98 -14.59 -1.76
C LYS A 18 -3.03 -13.57 -2.91
N THR A 19 -2.31 -12.47 -2.81
CA THR A 19 -2.34 -11.44 -3.89
C THR A 19 -1.97 -12.03 -5.23
N THR A 20 -0.88 -12.82 -5.24
CA THR A 20 -0.42 -13.43 -6.46
C THR A 20 -1.48 -14.38 -7.02
N VAL A 21 -2.02 -15.20 -6.12
CA VAL A 21 -2.97 -16.21 -6.47
C VAL A 21 -4.21 -15.61 -7.09
N ILE A 22 -4.79 -14.61 -6.43
CA ILE A 22 -6.05 -14.03 -6.97
C ILE A 22 -5.80 -13.44 -8.36
N ASN A 23 -4.69 -12.75 -8.52
CA ASN A 23 -4.41 -12.12 -9.82
C ASN A 23 -4.17 -13.12 -10.92
N GLU A 24 -3.44 -14.18 -10.61
CA GLU A 24 -3.18 -15.18 -11.64
C GLU A 24 -4.46 -15.93 -12.00
N VAL A 25 -5.24 -16.28 -10.98
CA VAL A 25 -6.48 -16.96 -11.25
C VAL A 25 -7.44 -16.07 -12.08
N TYR A 26 -7.54 -14.79 -11.75
CA TYR A 26 -8.36 -13.88 -12.49
C TYR A 26 -7.93 -13.89 -13.95
N HIS A 27 -6.63 -13.79 -14.19
CA HIS A 27 -6.13 -13.81 -15.59
C HIS A 27 -6.43 -15.04 -16.38
N ARG A 28 -6.54 -16.19 -15.72
CA ARG A 28 -6.94 -17.41 -16.40
C ARG A 28 -8.46 -17.50 -16.59
N LEU A 29 -9.22 -17.13 -15.57
CA LEU A 29 -10.65 -17.23 -15.65
C LEU A 29 -11.28 -16.28 -16.65
N VAL A 30 -10.71 -15.11 -16.81
CA VAL A 30 -11.34 -14.08 -17.68
C VAL A 30 -11.45 -14.51 -19.14
N LYS A 31 -10.66 -15.52 -19.58
CA LYS A 31 -10.79 -15.97 -20.94
C LYS A 31 -12.17 -16.54 -21.24
N ASP A 32 -12.76 -17.24 -20.25
CA ASP A 32 -13.99 -17.96 -20.42
C ASP A 32 -15.20 -17.49 -19.60
N TYR A 33 -14.94 -16.66 -18.59
CA TYR A 33 -15.99 -16.18 -17.65
C TYR A 33 -16.07 -14.66 -17.62
N ASP A 34 -17.26 -14.16 -17.31
CA ASP A 34 -17.53 -12.74 -17.13
C ASP A 34 -17.19 -12.49 -15.66
N VAL A 35 -15.91 -12.22 -15.41
CA VAL A 35 -15.38 -12.11 -14.07
C VAL A 35 -14.80 -10.73 -13.78
N ILE A 36 -14.88 -10.38 -12.49
CA ILE A 36 -14.24 -9.18 -11.98
C ILE A 36 -13.47 -9.62 -10.73
N THR A 38 -11.93 -7.82 -7.05
CA THR A 38 -12.09 -6.65 -6.20
C THR A 38 -11.48 -6.94 -4.85
N ARG A 39 -11.32 -5.85 -4.10
CA ARG A 39 -10.81 -5.86 -2.71
C ARG A 39 -11.46 -4.69 -2.06
N GLU A 40 -12.01 -4.88 -0.87
CA GLU A 40 -12.66 -3.75 -0.15
C GLU A 40 -11.65 -2.65 0.15
N PRO A 41 -12.03 -1.35 0.00
CA PRO A 41 -13.33 -0.86 -0.45
C PRO A 41 -13.57 -0.80 -1.95
N GLY A 42 -12.63 -1.25 -2.76
CA GLY A 42 -12.85 -1.42 -4.17
C GLY A 42 -13.18 -0.21 -5.00
N GLY A 43 -12.70 0.94 -4.59
CA GLY A 43 -12.95 2.14 -5.32
C GLY A 43 -14.28 2.81 -5.05
N VAL A 44 -15.08 2.24 -4.14
CA VAL A 44 -16.41 2.76 -3.76
C VAL A 44 -16.13 4.00 -2.86
N PRO A 45 -16.60 5.19 -3.27
CA PRO A 45 -16.21 6.43 -2.52
C PRO A 45 -16.52 6.47 -1.03
N THR A 46 -17.70 6.00 -0.67
CA THR A 46 -18.07 5.97 0.78
C THR A 46 -17.14 5.01 1.53
N GLY A 47 -16.85 3.87 0.95
CA GLY A 47 -15.98 2.92 1.52
C GLY A 47 -14.59 3.51 1.66
N GLU A 48 -14.12 4.28 0.65
CA GLU A 48 -12.80 4.90 0.73
C GLU A 48 -12.75 5.95 1.83
N GLU A 49 -13.85 6.68 2.01
CA GLU A 49 -13.93 7.74 3.04
C GLU A 49 -13.92 7.12 4.43
N ILE A 50 -14.65 6.02 4.58
CA ILE A 50 -14.73 5.32 5.86
C ILE A 50 -13.35 4.77 6.22
N ARG A 51 -12.68 4.18 5.23
CA ARG A 51 -11.40 3.58 5.49
C ARG A 51 -10.32 4.64 5.85
N LYS A 52 -10.43 5.85 5.28
CA LYS A 52 -9.51 6.89 5.61
C LYS A 52 -9.66 7.33 7.09
N ILE A 53 -10.86 7.24 7.66
CA ILE A 53 -11.05 7.60 9.06
C ILE A 53 -10.24 6.61 9.90
N VAL A 54 -10.26 5.33 9.53
CA VAL A 54 -9.50 4.35 10.28
C VAL A 54 -8.00 4.61 10.11
N LEU A 55 -7.57 4.91 8.88
CA LEU A 55 -6.14 5.19 8.63
C LEU A 55 -5.63 6.39 9.41
N GLU A 56 -6.49 7.39 9.59
CA GLU A 56 -6.14 8.58 10.33
C GLU A 56 -6.31 8.43 11.85
N GLY A 57 -6.89 7.32 12.28
CA GLY A 57 -7.07 7.06 13.72
C GLY A 57 -5.79 7.01 14.52
N ASN A 58 -5.91 7.44 15.76
CA ASN A 58 -4.82 7.50 16.72
C ASN A 58 -5.19 6.61 17.89
N ASP A 59 -4.64 5.40 17.94
CA ASP A 59 -4.95 4.45 19.01
C ASP A 59 -6.50 4.25 19.05
N ASP A 61 -10.12 2.75 19.23
CA ASP A 61 -10.77 1.58 19.86
C ASP A 61 -11.00 0.51 18.79
N ILE A 62 -10.64 -0.73 19.08
CA ILE A 62 -10.75 -1.82 18.07
C ILE A 62 -12.20 -2.16 17.64
N ARG A 63 -13.19 -1.99 18.54
CA ARG A 63 -14.59 -2.18 18.15
C ARG A 63 -15.05 -1.06 17.22
N THR A 64 -14.63 0.17 17.44
CA THR A 64 -14.97 1.27 16.50
C THR A 64 -14.38 0.91 15.13
N GLU A 65 -13.09 0.49 15.09
CA GLU A 65 -12.46 0.10 13.84
C GLU A 65 -13.27 -1.03 13.16
N ALA A 66 -13.68 -2.04 13.91
CA ALA A 66 -14.44 -3.12 13.33
C ALA A 66 -15.78 -2.68 12.73
N LEU A 68 -16.42 0.34 11.57
CA LEU A 68 -16.09 1.15 10.36
C LEU A 68 -15.80 0.19 9.20
N PHE A 69 -15.00 -0.84 9.45
CA PHE A 69 -14.74 -1.83 8.41
C PHE A 69 -15.97 -2.58 7.93
N ALA A 70 -16.92 -2.84 8.84
CA ALA A 70 -18.13 -3.49 8.47
C ALA A 70 -19.03 -2.57 7.61
N ALA A 71 -19.03 -1.27 7.93
CA ALA A 71 -19.77 -0.30 7.15
C ALA A 71 -19.18 -0.20 5.74
N SER A 72 -17.83 -0.12 5.65
CA SER A 72 -17.14 -0.09 4.35
C SER A 72 -17.48 -1.36 3.57
N ARG A 73 -17.50 -2.52 4.25
CA ARG A 73 -17.86 -3.77 3.65
C ARG A 73 -19.25 -3.69 3.03
N ARG A 74 -20.20 -3.17 3.78
CA ARG A 74 -21.54 -3.09 3.24
C ARG A 74 -21.62 -2.19 2.00
N GLU A 75 -20.90 -1.06 2.04
CA GLU A 75 -20.94 -0.14 0.87
C GLU A 75 -20.40 -0.85 -0.35
N HIS A 76 -19.30 -1.59 -0.18
CA HIS A 76 -18.67 -2.36 -1.27
C HIS A 76 -19.65 -3.41 -1.80
N LEU A 77 -20.34 -4.06 -0.86
CA LEU A 77 -21.25 -5.07 -1.26
C LEU A 77 -22.43 -4.46 -2.03
N VAL A 78 -23.06 -3.40 -1.50
CA VAL A 78 -24.27 -2.90 -2.17
C VAL A 78 -24.03 -2.09 -3.44
N LEU A 79 -22.87 -1.43 -3.51
CA LEU A 79 -22.58 -0.57 -4.64
C LEU A 79 -21.69 -1.23 -5.69
N LYS A 80 -21.04 -2.36 -5.36
CA LYS A 80 -20.18 -3.00 -6.34
C LYS A 80 -20.47 -4.49 -6.52
N VAL A 81 -20.40 -5.24 -5.44
CA VAL A 81 -20.56 -6.67 -5.56
C VAL A 81 -21.94 -7.15 -5.98
N ILE A 82 -22.99 -6.68 -5.31
CA ILE A 82 -24.33 -7.12 -5.63
C ILE A 82 -24.72 -6.74 -7.08
N PRO A 83 -24.46 -5.49 -7.49
CA PRO A 83 -24.73 -5.17 -8.93
C PRO A 83 -24.06 -6.12 -9.92
N ALA A 84 -22.84 -6.53 -9.64
CA ALA A 84 -22.14 -7.48 -10.53
C ALA A 84 -22.82 -8.85 -10.49
N LEU A 85 -23.18 -9.32 -9.29
CA LEU A 85 -23.81 -10.63 -9.18
C LEU A 85 -25.17 -10.63 -9.88
N LYS A 86 -25.88 -9.51 -9.86
CA LYS A 86 -27.16 -9.39 -10.56
C LYS A 86 -27.00 -9.46 -12.04
N GLU A 87 -25.82 -9.07 -12.55
CA GLU A 87 -25.52 -9.18 -13.99
C GLU A 87 -24.99 -10.57 -14.35
N GLY A 88 -24.95 -11.48 -13.36
CA GLY A 88 -24.51 -12.84 -13.60
C GLY A 88 -23.03 -13.11 -13.60
N LYS A 89 -22.22 -12.15 -13.08
CA LYS A 89 -20.76 -12.23 -13.06
C LYS A 89 -20.23 -13.09 -11.97
N VAL A 90 -19.00 -13.52 -12.22
CA VAL A 90 -18.20 -14.19 -11.22
C VAL A 90 -17.45 -13.04 -10.55
N VAL A 91 -17.54 -12.94 -9.23
CA VAL A 91 -16.90 -11.90 -8.45
C VAL A 91 -15.85 -12.56 -7.54
N LEU A 92 -14.59 -12.19 -7.75
CA LEU A 92 -13.48 -12.67 -6.96
C LEU A 92 -13.14 -11.55 -6.01
N CYS A 93 -13.21 -11.85 -4.71
CA CYS A 93 -12.98 -10.82 -3.70
C CYS A 93 -11.87 -11.20 -2.74
N ASP A 94 -10.88 -10.32 -2.63
CA ASP A 94 -9.72 -10.48 -1.79
C ASP A 94 -9.95 -10.02 -0.35
N ARG A 95 -10.41 -10.96 0.47
CA ARG A 95 -10.76 -10.80 1.88
C ARG A 95 -12.25 -10.45 1.97
N TYR A 96 -12.86 -10.95 3.04
CA TYR A 96 -14.29 -10.68 3.32
C TYR A 96 -14.54 -10.96 4.80
N ILE A 97 -15.73 -11.45 5.14
N ILE A 97 -15.71 -11.50 5.15
CA ILE A 97 -16.07 -11.66 6.54
CA ILE A 97 -16.03 -11.69 6.57
C ILE A 97 -15.06 -12.49 7.34
C ILE A 97 -15.04 -12.51 7.36
N ASP A 98 -14.51 -13.55 6.75
CA ASP A 98 -13.57 -14.40 7.50
C ASP A 98 -12.31 -13.65 7.98
N SER A 99 -11.84 -12.69 7.18
CA SER A 99 -10.72 -11.86 7.60
C SER A 99 -11.04 -11.10 8.88
N SER A 100 -12.20 -10.47 8.91
CA SER A 100 -12.66 -9.76 10.12
C SER A 100 -12.70 -10.70 11.30
N LEU A 101 -13.25 -11.89 11.12
CA LEU A 101 -13.33 -12.84 12.22
C LEU A 101 -11.96 -13.26 12.71
N ALA A 102 -11.02 -13.58 11.80
CA ALA A 102 -9.67 -14.03 12.23
C ALA A 102 -8.85 -12.93 12.86
N TYR A 103 -8.84 -11.75 12.23
CA TYR A 103 -8.06 -10.61 12.69
C TYR A 103 -8.68 -9.87 13.90
N GLN A 104 -9.88 -9.35 13.72
CA GLN A 104 -10.50 -8.54 14.77
C GLN A 104 -11.09 -9.43 15.86
N GLY A 105 -11.77 -10.49 15.44
CA GLY A 105 -12.41 -11.37 16.40
C GLY A 105 -11.44 -12.19 17.24
N TYR A 106 -10.59 -12.94 16.57
CA TYR A 106 -9.70 -13.86 17.27
C TYR A 106 -8.40 -13.19 17.62
N ALA A 107 -7.64 -12.74 16.63
CA ALA A 107 -6.32 -12.23 16.99
C ALA A 107 -6.30 -10.99 17.91
N ARG A 108 -7.18 -10.02 17.61
CA ARG A 108 -7.29 -8.79 18.37
C ARG A 108 -8.16 -8.95 19.64
N GLY A 109 -8.82 -10.11 19.76
CA GLY A 109 -9.52 -10.47 20.97
C GLY A 109 -10.93 -9.93 21.23
N ILE A 110 -11.56 -9.39 20.19
CA ILE A 110 -12.92 -8.86 20.41
C ILE A 110 -13.88 -10.03 20.70
N GLY A 111 -13.58 -11.14 20.04
CA GLY A 111 -14.41 -12.33 20.09
C GLY A 111 -14.94 -12.68 18.70
N VAL A 112 -14.74 -13.91 18.27
CA VAL A 112 -15.26 -14.33 16.95
C VAL A 112 -16.80 -14.20 16.86
N GLU A 113 -17.53 -14.69 17.88
CA GLU A 113 -19.01 -14.63 17.79
C GLU A 113 -19.51 -13.18 17.71
N GLU A 114 -18.85 -12.31 18.46
CA GLU A 114 -19.18 -10.88 18.48
C GLU A 114 -18.98 -10.23 17.10
N VAL A 115 -17.84 -10.50 16.51
CA VAL A 115 -17.51 -9.93 15.16
C VAL A 115 -18.41 -10.61 14.11
N ARG A 116 -18.77 -11.88 14.29
CA ARG A 116 -19.68 -12.51 13.35
C ARG A 116 -21.04 -11.83 13.39
N ALA A 117 -21.54 -11.54 14.56
CA ALA A 117 -22.84 -10.87 14.70
C ALA A 117 -22.83 -9.54 13.98
N LEU A 118 -21.75 -8.78 14.14
CA LEU A 118 -21.61 -7.47 13.50
C LEU A 118 -21.61 -7.65 11.98
N ASN A 119 -20.81 -8.61 11.51
CA ASN A 119 -20.74 -8.85 10.08
C ASN A 119 -21.96 -9.44 9.43
N GLU A 120 -22.75 -10.19 10.21
CA GLU A 120 -24.06 -10.69 9.72
C GLU A 120 -25.01 -9.51 9.55
N PHE A 121 -24.91 -8.49 10.41
CA PHE A 121 -25.70 -7.29 10.23
C PHE A 121 -25.27 -6.60 8.89
N ALA A 122 -23.96 -6.50 8.66
CA ALA A 122 -23.40 -5.83 7.48
C ALA A 122 -23.70 -6.53 6.18
N ILE A 123 -23.65 -7.88 6.15
CA ILE A 123 -23.84 -8.62 4.90
C ILE A 123 -25.25 -9.13 4.62
N ASN A 124 -26.08 -9.05 5.64
CA ASN A 124 -27.48 -9.41 5.51
C ASN A 124 -27.75 -10.69 4.68
N GLY A 125 -27.03 -11.73 5.09
CA GLY A 125 -27.17 -13.05 4.47
C GLY A 125 -26.32 -13.37 3.27
N LEU A 126 -25.51 -12.41 2.80
CA LEU A 126 -24.75 -12.63 1.60
C LEU A 126 -23.39 -13.21 1.87
N TYR A 127 -23.41 -14.49 2.23
CA TYR A 127 -22.22 -15.24 2.41
C TYR A 127 -21.67 -15.62 1.03
N PRO A 128 -20.34 -15.84 0.95
CA PRO A 128 -19.81 -16.28 -0.33
C PRO A 128 -20.36 -17.61 -0.75
N ASP A 129 -20.40 -17.83 -2.07
CA ASP A 129 -20.76 -19.13 -2.58
C ASP A 129 -19.61 -20.15 -2.41
N LEU A 130 -18.37 -19.63 -2.39
CA LEU A 130 -17.14 -20.44 -2.28
C LEU A 130 -16.08 -19.52 -1.67
N THR A 131 -15.30 -20.06 -0.75
CA THR A 131 -14.22 -19.33 -0.13
C THR A 131 -12.98 -20.21 -0.19
N ILE A 132 -11.95 -19.69 -0.86
CA ILE A 132 -10.65 -20.37 -0.96
C ILE A 132 -9.86 -19.95 0.27
N TYR A 133 -9.44 -20.93 1.08
CA TYR A 133 -8.57 -20.67 2.22
C TYR A 133 -7.15 -21.11 1.81
N LEU A 134 -6.24 -20.14 1.71
CA LEU A 134 -4.84 -20.39 1.33
C LEU A 134 -4.15 -20.80 2.66
N ASN A 135 -4.07 -22.10 2.84
CA ASN A 135 -3.55 -22.70 4.08
C ASN A 135 -2.05 -22.82 4.13
N VAL A 136 -1.46 -21.78 4.69
CA VAL A 136 -0.02 -21.72 4.82
C VAL A 136 0.36 -21.96 6.26
N SER A 137 1.47 -22.64 6.47
CA SER A 137 2.00 -22.78 7.80
C SER A 137 2.64 -21.46 8.22
N ALA A 138 2.75 -21.29 9.52
CA ALA A 138 3.36 -20.09 10.05
C ALA A 138 4.78 -19.88 9.55
N GLU A 139 5.54 -20.96 9.45
CA GLU A 139 6.97 -20.84 9.09
C GLU A 139 7.17 -20.47 7.62
N VAL A 140 6.39 -21.10 6.75
CA VAL A 140 6.46 -20.72 5.33
C VAL A 140 5.98 -19.31 5.13
N GLY A 141 4.88 -18.97 5.78
CA GLY A 141 4.37 -17.65 5.69
C GLY A 141 5.35 -16.61 6.17
N ARG A 142 6.03 -16.89 7.26
CA ARG A 142 7.05 -15.97 7.81
C ARG A 142 8.11 -15.63 6.74
N GLU A 143 8.63 -16.65 6.04
CA GLU A 143 9.67 -16.42 5.03
C GLU A 143 9.13 -15.60 3.89
N ARG A 144 7.88 -15.85 3.50
CA ARG A 144 7.29 -15.04 2.43
C ARG A 144 7.11 -13.61 2.86
N ILE A 145 6.70 -13.41 4.11
CA ILE A 145 6.52 -12.06 4.63
C ILE A 145 7.87 -11.32 4.65
N ILE A 146 8.94 -12.00 5.10
CA ILE A 146 10.24 -11.34 5.14
C ILE A 146 10.67 -10.96 3.72
N LYS A 147 10.49 -11.90 2.79
CA LYS A 147 10.83 -11.69 1.38
C LYS A 147 10.08 -10.51 0.81
N ASN A 148 8.79 -10.42 1.10
CA ASN A 148 8.00 -9.37 0.53
C ASN A 148 8.18 -8.01 1.20
N SER A 149 8.68 -8.02 2.43
CA SER A 149 8.88 -6.80 3.21
C SER A 149 10.11 -6.04 2.71
N ARG A 150 9.92 -4.80 2.26
CA ARG A 150 11.05 -4.06 1.72
C ARG A 150 12.15 -3.72 2.72
N ASP A 151 11.76 -3.42 3.95
CA ASP A 151 12.69 -2.90 4.92
C ASP A 151 13.11 -3.85 6.05
N GLN A 152 12.60 -5.06 6.02
CA GLN A 152 12.88 -6.03 7.07
C GLN A 152 13.57 -7.30 6.59
N ASN A 153 14.50 -7.78 7.43
CA ASN A 153 15.24 -9.03 7.18
C ASN A 153 14.89 -10.12 8.18
N ARG A 154 14.19 -9.75 9.27
CA ARG A 154 13.70 -10.73 10.27
C ARG A 154 12.44 -10.11 10.85
N LEU A 155 11.51 -10.92 11.35
CA LEU A 155 10.35 -10.35 12.03
C LEU A 155 10.56 -10.27 13.54
N ASP A 156 9.97 -9.27 14.19
CA ASP A 156 10.13 -9.22 15.60
C ASP A 156 9.10 -10.16 16.25
N GLN A 157 9.29 -10.37 17.53
CA GLN A 157 8.41 -11.27 18.27
C GLN A 157 6.94 -10.92 18.23
N GLU A 158 6.63 -9.64 18.31
CA GLU A 158 5.25 -9.22 18.29
C GLU A 158 4.58 -9.64 16.99
N ASP A 159 5.28 -9.40 15.89
CA ASP A 159 4.74 -9.74 14.58
C ASP A 159 4.64 -11.26 14.39
N LEU A 160 5.64 -11.99 14.82
CA LEU A 160 5.58 -13.47 14.74
C LEU A 160 4.36 -14.00 15.49
N LYS A 161 4.19 -13.57 16.74
CA LYS A 161 3.04 -14.00 17.56
C LYS A 161 1.72 -13.62 16.93
N PHE A 162 1.59 -12.41 16.38
CA PHE A 162 0.31 -12.01 15.83
C PHE A 162 -0.03 -12.88 14.63
N HIS A 163 0.96 -13.12 13.78
CA HIS A 163 0.79 -14.02 12.61
C HIS A 163 0.34 -15.38 13.07
N GLU A 164 0.94 -15.92 14.15
CA GLU A 164 0.51 -17.24 14.63
C GLU A 164 -0.92 -17.21 15.10
N LYS A 165 -1.35 -16.11 15.74
CA LYS A 165 -2.68 -16.03 16.32
C LYS A 165 -3.72 -15.91 15.17
N VAL A 166 -3.40 -15.16 14.12
CA VAL A 166 -4.30 -15.06 12.94
C VAL A 166 -4.52 -16.44 12.35
N ILE A 167 -3.44 -17.21 12.19
CA ILE A 167 -3.59 -18.59 11.64
C ILE A 167 -4.46 -19.46 12.56
N GLU A 168 -4.22 -19.39 13.87
CA GLU A 168 -5.02 -20.13 14.83
C GLU A 168 -6.49 -19.76 14.67
N GLY A 169 -6.79 -18.48 14.50
CA GLY A 169 -8.17 -18.02 14.30
C GLY A 169 -8.80 -18.58 13.03
N TYR A 170 -8.11 -18.45 11.91
CA TYR A 170 -8.60 -19.05 10.69
C TYR A 170 -8.82 -20.54 10.84
N GLN A 171 -7.91 -21.24 11.49
CA GLN A 171 -8.10 -22.68 11.66
C GLN A 171 -9.40 -22.97 12.44
N GLU A 172 -9.72 -22.16 13.44
CA GLU A 172 -10.99 -22.33 14.19
C GLU A 172 -12.19 -22.08 13.30
N ILE A 173 -12.10 -21.02 12.52
CA ILE A 173 -13.20 -20.66 11.60
C ILE A 173 -13.53 -21.69 10.55
N ILE A 174 -12.51 -22.24 9.93
CA ILE A 174 -12.70 -23.21 8.84
C ILE A 174 -13.06 -24.60 9.32
N HIS A 175 -12.87 -24.89 10.60
CA HIS A 175 -13.25 -26.15 11.16
C HIS A 175 -14.72 -26.06 11.55
N SER A 178 -17.80 -25.39 7.33
CA SER A 178 -18.85 -25.36 6.29
C SER A 178 -18.43 -25.62 4.84
N GLN A 179 -19.40 -26.10 4.06
CA GLN A 179 -19.24 -26.45 2.65
C GLN A 179 -18.69 -25.33 1.74
N ARG A 180 -18.78 -24.05 2.12
CA ARG A 180 -18.23 -23.03 1.22
C ARG A 180 -16.74 -23.01 1.28
N PHE A 181 -16.12 -23.50 2.36
CA PHE A 181 -14.65 -23.44 2.39
C PHE A 181 -13.98 -24.60 1.65
N LYS A 182 -12.97 -24.21 0.88
CA LYS A 182 -12.04 -25.15 0.18
C LYS A 182 -10.63 -24.72 0.49
N SER A 183 -9.89 -25.59 1.18
N SER A 183 -9.89 -25.62 1.13
CA SER A 183 -8.52 -25.30 1.52
CA SER A 183 -8.53 -25.36 1.56
C SER A 183 -7.57 -25.69 0.41
C SER A 183 -7.54 -25.73 0.45
N VAL A 184 -6.56 -24.86 0.19
CA VAL A 184 -5.52 -25.13 -0.79
C VAL A 184 -4.21 -25.08 0.00
N ASN A 185 -3.32 -26.05 -0.25
CA ASN A 185 -2.04 -26.10 0.43
C ASN A 185 -1.12 -24.97 -0.08
N ALA A 186 -1.01 -23.90 0.70
CA ALA A 186 -0.24 -22.74 0.33
C ALA A 186 1.26 -22.82 0.69
N ASP A 187 1.67 -23.94 1.29
CA ASP A 187 3.09 -24.21 1.54
C ASP A 187 3.81 -24.66 0.25
N GLN A 188 3.06 -24.97 -0.80
CA GLN A 188 3.64 -25.34 -2.09
C GLN A 188 4.22 -24.12 -2.80
N PRO A 189 5.05 -24.34 -3.82
CA PRO A 189 5.46 -23.20 -4.60
C PRO A 189 4.22 -22.53 -5.18
N LEU A 190 4.32 -21.23 -5.38
CA LEU A 190 3.18 -20.43 -5.85
C LEU A 190 2.59 -20.95 -7.14
N GLU A 191 3.42 -21.49 -8.00
CA GLU A 191 2.88 -21.95 -9.24
C GLU A 191 1.86 -23.06 -9.05
N ASN A 192 2.12 -23.93 -8.08
CA ASN A 192 1.22 -25.04 -7.70
C ASN A 192 0.00 -24.54 -6.91
N VAL A 193 0.20 -23.54 -6.04
CA VAL A 193 -0.95 -22.95 -5.27
C VAL A 193 -1.98 -22.34 -6.28
N VAL A 194 -1.45 -21.67 -7.30
CA VAL A 194 -2.30 -21.10 -8.37
C VAL A 194 -3.07 -22.20 -9.11
N GLU A 195 -2.35 -23.23 -9.52
CA GLU A 195 -2.98 -24.29 -10.26
C GLU A 195 -4.06 -24.99 -9.40
N ASP A 196 -3.76 -25.28 -8.14
CA ASP A 196 -4.76 -25.96 -7.31
C ASP A 196 -5.98 -25.05 -7.11
N THR A 197 -5.76 -23.77 -6.93
CA THR A 197 -6.86 -22.79 -6.71
C THR A 197 -7.72 -22.69 -7.96
N TYR A 198 -7.08 -22.56 -9.10
CA TYR A 198 -7.81 -22.47 -10.35
C TYR A 198 -8.68 -23.72 -10.56
N GLN A 199 -8.11 -24.90 -10.33
CA GLN A 199 -8.85 -26.14 -10.52
C GLN A 199 -10.04 -26.24 -9.55
N THR A 200 -9.85 -25.77 -8.31
CA THR A 200 -10.91 -25.75 -7.30
C THR A 200 -12.06 -24.89 -7.77
N ILE A 201 -11.74 -23.72 -8.32
CA ILE A 201 -12.74 -22.82 -8.80
C ILE A 201 -13.48 -23.38 -10.03
N ILE A 202 -12.75 -23.96 -11.01
CA ILE A 202 -13.44 -24.52 -12.23
C ILE A 202 -14.38 -25.65 -11.81
N LYS A 203 -13.97 -26.46 -10.84
CA LYS A 203 -14.84 -27.55 -10.42
C LYS A 203 -16.17 -26.96 -9.84
N TYR A 204 -16.04 -25.89 -9.05
CA TYR A 204 -17.22 -25.21 -8.49
C TYR A 204 -18.10 -24.59 -9.63
N LEU A 205 -17.47 -23.80 -10.50
CA LEU A 205 -18.19 -23.17 -11.54
C LEU A 205 -18.86 -24.08 -12.56
N GLU A 206 -18.22 -25.19 -12.89
CA GLU A 206 -18.77 -26.11 -13.87
C GLU A 206 -19.56 -27.25 -13.20
N LYS A 207 -19.63 -27.20 -11.87
CA LYS A 207 -20.35 -28.17 -11.03
C LYS A 207 -19.93 -29.61 -11.38
N ILE A 208 -18.62 -29.83 -11.34
CA ILE A 208 -17.96 -31.14 -11.66
C ILE A 208 -17.07 -31.64 -10.51
N SER B 5 21.22 9.85 14.89
CA SER B 5 20.98 10.18 13.45
C SER B 5 19.63 9.58 13.02
N ALA B 6 18.99 10.26 12.12
CA ALA B 6 17.71 9.82 11.54
C ALA B 6 17.65 10.29 10.06
N PHE B 7 17.28 9.35 9.20
CA PHE B 7 17.07 9.61 7.79
C PHE B 7 15.56 9.61 7.61
N ILE B 8 15.02 10.77 7.28
CA ILE B 8 13.60 10.98 7.12
C ILE B 8 13.27 11.45 5.70
N THR B 9 12.41 10.71 5.01
CA THR B 9 12.03 11.11 3.69
C THR B 9 10.56 11.59 3.62
N PHE B 10 10.28 12.43 2.62
CA PHE B 10 8.96 12.97 2.40
C PHE B 10 8.53 12.48 1.01
N GLU B 11 7.32 11.97 0.94
CA GLU B 11 6.79 11.43 -0.28
C GLU B 11 5.36 11.87 -0.49
N GLY B 12 4.99 11.99 -1.76
CA GLY B 12 3.64 12.37 -2.11
C GLY B 12 3.61 12.79 -3.58
N PRO B 13 2.42 12.72 -4.16
CA PRO B 13 2.24 13.11 -5.53
C PRO B 13 2.21 14.63 -5.66
N GLU B 14 2.21 15.06 -6.92
CA GLU B 14 2.08 16.46 -7.18
C GLU B 14 0.69 16.88 -6.56
N GLY B 15 0.61 18.07 -6.00
CA GLY B 15 -0.63 18.56 -5.42
C GLY B 15 -0.84 18.13 -3.98
N SER B 16 0.15 17.48 -3.39
CA SER B 16 0.10 17.03 -1.98
C SER B 16 0.63 18.10 -1.02
N GLY B 17 1.14 19.22 -1.53
CA GLY B 17 1.72 20.28 -0.68
C GLY B 17 3.14 20.01 -0.23
N LYS B 18 3.76 18.97 -0.78
CA LYS B 18 5.07 18.53 -0.33
C LYS B 18 6.14 19.60 -0.26
N THR B 19 6.35 20.40 -1.30
CA THR B 19 7.36 21.42 -1.24
C THR B 19 7.14 22.35 -0.08
N THR B 20 5.91 22.88 0.04
CA THR B 20 5.60 23.79 1.16
C THR B 20 5.84 23.12 2.52
N VAL B 21 5.37 21.90 2.65
CA VAL B 21 5.46 21.19 3.89
C VAL B 21 6.93 20.93 4.31
N ILE B 22 7.75 20.44 3.40
CA ILE B 22 9.08 20.10 3.82
C ILE B 22 9.84 21.35 4.23
N ASN B 23 9.66 22.42 3.44
CA ASN B 23 10.34 23.67 3.77
C ASN B 23 9.94 24.24 5.13
N GLU B 24 8.62 24.23 5.39
CA GLU B 24 8.12 24.80 6.68
C GLU B 24 8.51 23.94 7.87
N VAL B 25 8.42 22.62 7.70
CA VAL B 25 8.79 21.69 8.76
C VAL B 25 10.27 21.83 9.06
N TYR B 26 11.11 21.93 8.01
CA TYR B 26 12.53 22.10 8.24
C TYR B 26 12.84 23.33 9.02
N HIS B 27 12.19 24.47 8.69
CA HIS B 27 12.45 25.73 9.39
C HIS B 27 12.20 25.60 10.86
N ARG B 28 11.13 24.91 11.23
N ARG B 28 11.13 24.90 11.20
CA ARG B 28 10.84 24.74 12.63
CA ARG B 28 10.75 24.68 12.58
C ARG B 28 11.85 23.81 13.26
C ARG B 28 11.65 23.72 13.30
N LEU B 29 12.14 22.72 12.58
CA LEU B 29 13.07 21.74 13.17
C LEU B 29 14.47 22.25 13.45
N VAL B 30 14.97 23.12 12.60
CA VAL B 30 16.33 23.65 12.71
C VAL B 30 16.59 24.29 14.07
N LYS B 31 15.57 24.89 14.63
CA LYS B 31 15.71 25.54 15.93
C LYS B 31 16.07 24.59 17.04
N ASP B 32 15.63 23.34 16.92
CA ASP B 32 15.76 22.39 18.02
C ASP B 32 16.54 21.10 17.80
N TYR B 33 16.93 20.88 16.54
CA TYR B 33 17.67 19.70 16.16
C TYR B 33 18.86 20.01 15.28
N ASP B 34 19.81 19.06 15.29
CA ASP B 34 20.97 19.11 14.36
C ASP B 34 20.40 18.42 13.12
N VAL B 35 19.88 19.23 12.19
CA VAL B 35 19.17 18.73 11.04
C VAL B 35 19.53 19.51 9.77
N ILE B 36 19.51 18.81 8.64
CA ILE B 36 19.71 19.39 7.30
C ILE B 36 18.61 18.84 6.40
N THR B 38 17.81 18.20 2.21
CA THR B 38 18.40 18.15 0.90
C THR B 38 17.38 17.75 -0.17
N ARG B 39 17.44 18.45 -1.29
CA ARG B 39 16.65 18.10 -2.46
C ARG B 39 17.51 17.30 -3.45
N GLU B 40 17.23 16.00 -3.55
CA GLU B 40 17.95 15.08 -4.43
C GLU B 40 18.11 15.64 -5.89
N PRO B 41 19.35 15.60 -6.49
CA PRO B 41 20.65 15.10 -6.02
C PRO B 41 21.52 16.07 -5.19
N GLY B 42 20.90 17.13 -4.68
CA GLY B 42 21.51 17.95 -3.67
C GLY B 42 22.72 18.76 -4.01
N GLY B 43 22.91 19.04 -5.27
CA GLY B 43 24.08 19.81 -5.68
C GLY B 43 25.35 18.97 -5.77
N VAL B 44 25.26 17.66 -5.53
CA VAL B 44 26.39 16.77 -5.67
C VAL B 44 26.76 16.74 -7.18
N PRO B 45 27.96 17.22 -7.52
CA PRO B 45 28.28 17.34 -8.97
C PRO B 45 28.05 16.10 -9.83
N THR B 46 28.58 14.96 -9.42
CA THR B 46 28.32 13.77 -10.19
C THR B 46 26.83 13.46 -10.30
N GLY B 47 26.08 13.63 -9.21
CA GLY B 47 24.66 13.38 -9.25
C GLY B 47 23.97 14.32 -10.22
N GLU B 48 24.41 15.58 -10.26
CA GLU B 48 23.85 16.56 -11.21
C GLU B 48 24.18 16.23 -12.64
N GLU B 49 25.43 15.83 -12.91
CA GLU B 49 25.84 15.49 -14.28
C GLU B 49 25.09 14.29 -14.81
N ILE B 50 24.88 13.29 -13.94
CA ILE B 50 24.18 12.08 -14.37
C ILE B 50 22.73 12.44 -14.70
N ARG B 51 22.11 13.25 -13.86
CA ARG B 51 20.72 13.67 -14.06
C ARG B 51 20.61 14.45 -15.37
N LYS B 52 21.62 15.28 -15.70
CA LYS B 52 21.58 16.09 -16.92
C LYS B 52 21.46 15.22 -18.17
N ILE B 53 22.03 14.02 -18.13
CA ILE B 53 21.92 13.12 -19.26
C ILE B 53 20.44 12.82 -19.56
N VAL B 54 19.68 12.56 -18.49
CA VAL B 54 18.24 12.36 -18.68
C VAL B 54 17.53 13.63 -19.17
N LEU B 55 17.83 14.76 -18.55
CA LEU B 55 17.16 16.00 -18.85
C LEU B 55 17.42 16.49 -20.26
N GLU B 56 18.55 16.11 -20.84
CA GLU B 56 18.90 16.44 -22.20
C GLU B 56 18.49 15.34 -23.19
N GLY B 57 17.87 14.26 -22.73
CA GLY B 57 17.52 13.13 -23.60
C GLY B 57 16.47 13.45 -24.64
N ASN B 58 16.41 12.66 -25.70
CA ASN B 58 15.42 12.83 -26.76
C ASN B 58 14.74 11.50 -26.87
N ASP B 59 13.49 11.40 -26.40
CA ASP B 59 12.75 10.14 -26.42
C ASP B 59 13.62 9.00 -25.83
N ASP B 61 14.70 5.96 -23.60
CA ASP B 61 14.07 4.76 -23.01
C ASP B 61 13.92 4.96 -21.49
N ILE B 62 12.72 4.65 -21.01
CA ILE B 62 12.37 4.86 -19.58
C ILE B 62 13.22 4.06 -18.62
N ARG B 63 13.67 2.86 -19.02
CA ARG B 63 14.58 2.08 -18.14
C ARG B 63 15.95 2.74 -18.07
N THR B 64 16.43 3.28 -19.18
CA THR B 64 17.68 3.99 -19.17
C THR B 64 17.51 5.16 -18.20
N GLU B 65 16.43 5.91 -18.36
CA GLU B 65 16.17 7.03 -17.42
C GLU B 65 16.19 6.58 -15.94
N ALA B 66 15.46 5.52 -15.64
CA ALA B 66 15.40 5.00 -14.29
C ALA B 66 16.79 4.65 -13.77
N LEU B 68 19.70 5.84 -14.69
CA LEU B 68 20.46 7.09 -14.48
C LEU B 68 20.00 7.80 -13.21
N PHE B 69 18.70 7.91 -13.00
CA PHE B 69 18.16 8.52 -11.74
C PHE B 69 18.66 7.71 -10.53
N ALA B 70 18.77 6.38 -10.64
CA ALA B 70 19.28 5.58 -9.55
C ALA B 70 20.74 5.83 -9.24
N ALA B 71 21.54 5.98 -10.30
CA ALA B 71 22.95 6.27 -10.14
C ALA B 71 23.12 7.67 -9.47
N SER B 72 22.33 8.64 -9.95
CA SER B 72 22.33 10.00 -9.38
C SER B 72 21.93 9.93 -7.87
N ARG B 73 20.89 9.17 -7.58
CA ARG B 73 20.48 8.93 -6.19
C ARG B 73 21.60 8.36 -5.35
N ARG B 74 22.31 7.36 -5.86
CA ARG B 74 23.40 6.77 -5.08
C ARG B 74 24.52 7.80 -4.84
N GLU B 75 24.88 8.60 -5.84
CA GLU B 75 25.92 9.60 -5.60
C GLU B 75 25.49 10.55 -4.51
N HIS B 76 24.23 10.97 -4.50
CA HIS B 76 23.72 11.83 -3.45
C HIS B 76 23.85 11.16 -2.08
N LEU B 77 23.51 9.87 -2.07
N LEU B 77 23.52 9.86 -2.02
CA LEU B 77 23.56 9.08 -0.85
CA LEU B 77 23.66 9.14 -0.75
C LEU B 77 24.98 8.96 -0.29
C LEU B 77 25.08 9.07 -0.26
N VAL B 78 25.94 8.56 -1.12
CA VAL B 78 27.33 8.30 -0.66
C VAL B 78 28.18 9.53 -0.41
N LEU B 79 27.93 10.59 -1.17
CA LEU B 79 28.72 11.76 -1.03
C LEU B 79 28.10 12.84 -0.11
N LYS B 80 26.78 12.82 0.11
CA LYS B 80 26.14 13.85 0.91
C LYS B 80 25.33 13.33 2.11
N VAL B 81 24.36 12.46 1.87
CA VAL B 81 23.52 11.97 2.95
C VAL B 81 24.21 11.13 4.02
N ILE B 82 24.91 10.10 3.60
CA ILE B 82 25.54 9.18 4.55
C ILE B 82 26.59 9.95 5.38
N PRO B 83 27.44 10.80 4.75
CA PRO B 83 28.37 11.52 5.61
C PRO B 83 27.69 12.39 6.69
N ALA B 84 26.56 12.99 6.35
CA ALA B 84 25.79 13.79 7.31
C ALA B 84 25.24 12.90 8.42
N LEU B 85 24.65 11.75 8.04
CA LEU B 85 24.15 10.80 9.07
C LEU B 85 25.26 10.37 10.02
N LYS B 86 26.44 10.08 9.46
CA LYS B 86 27.60 9.68 10.25
C LYS B 86 28.08 10.77 11.25
N GLU B 87 27.76 12.03 10.92
CA GLU B 87 28.07 13.17 11.79
C GLU B 87 26.99 13.45 12.86
N GLY B 88 25.99 12.59 12.92
CA GLY B 88 24.88 12.65 13.86
C GLY B 88 23.70 13.52 13.49
N LYS B 89 23.63 13.94 12.24
CA LYS B 89 22.58 14.79 11.78
C LYS B 89 21.30 14.04 11.41
N VAL B 90 20.20 14.73 11.60
CA VAL B 90 18.93 14.27 11.08
C VAL B 90 18.99 14.78 9.62
N VAL B 91 18.61 13.96 8.64
CA VAL B 91 18.63 14.40 7.23
C VAL B 91 17.21 14.20 6.66
N LEU B 92 16.59 15.32 6.26
CA LEU B 92 15.30 15.35 5.61
C LEU B 92 15.57 15.33 4.12
N CYS B 93 14.93 14.42 3.40
CA CYS B 93 15.11 14.34 1.94
C CYS B 93 13.74 14.39 1.25
N ASP B 94 13.63 15.17 0.18
CA ASP B 94 12.37 15.40 -0.53
C ASP B 94 11.81 14.33 -1.46
N ARG B 95 12.53 13.26 -1.63
CA ARG B 95 12.09 12.15 -2.44
C ARG B 95 13.08 11.05 -2.34
N TYR B 96 12.57 9.83 -2.47
CA TYR B 96 13.42 8.72 -2.35
C TYR B 96 12.83 7.49 -3.07
N ILE B 97 13.06 6.28 -2.54
CA ILE B 97 12.67 5.07 -3.25
C ILE B 97 11.15 4.89 -3.45
N ASP B 98 10.33 5.44 -2.55
CA ASP B 98 8.88 5.25 -2.71
C ASP B 98 8.40 6.03 -3.95
N SER B 99 8.99 7.21 -4.18
N SER B 99 8.95 7.24 -4.11
CA SER B 99 8.68 8.00 -5.41
CA SER B 99 8.65 8.06 -5.29
C SER B 99 9.05 7.24 -6.67
C SER B 99 8.95 7.25 -6.54
N SER B 100 10.20 6.59 -6.66
N SER B 100 10.15 6.71 -6.63
CA SER B 100 10.57 5.84 -7.87
CA SER B 100 10.52 5.94 -7.84
C SER B 100 9.62 4.69 -8.06
C SER B 100 9.61 4.73 -8.05
N LEU B 101 9.25 4.04 -6.96
CA LEU B 101 8.30 2.92 -7.10
C LEU B 101 6.92 3.37 -7.62
N ALA B 102 6.35 4.44 -7.05
CA ALA B 102 5.01 4.92 -7.46
C ALA B 102 5.00 5.51 -8.85
N TYR B 103 6.02 6.27 -9.19
CA TYR B 103 6.09 6.91 -10.49
C TYR B 103 6.56 6.02 -11.61
N GLN B 104 7.73 5.44 -11.43
CA GLN B 104 8.35 4.63 -12.46
C GLN B 104 7.78 3.21 -12.51
N GLY B 105 7.65 2.61 -11.33
CA GLY B 105 7.22 1.25 -11.22
C GLY B 105 5.77 1.04 -11.52
N TYR B 106 4.93 1.83 -10.91
N TYR B 106 4.92 1.77 -10.81
CA TYR B 106 3.53 1.69 -11.10
CA TYR B 106 3.49 1.68 -10.99
C TYR B 106 2.96 2.55 -12.19
C TYR B 106 2.93 2.54 -12.13
N ALA B 107 3.06 3.85 -12.01
CA ALA B 107 2.42 4.74 -12.96
C ALA B 107 2.96 4.66 -14.39
N ARG B 108 4.29 4.68 -14.55
CA ARG B 108 4.88 4.56 -15.88
C ARG B 108 4.94 3.11 -16.41
N GLY B 109 4.57 2.16 -15.56
CA GLY B 109 4.46 0.77 -16.00
C GLY B 109 5.73 -0.04 -16.18
N ILE B 110 6.85 0.38 -15.59
CA ILE B 110 8.06 -0.42 -15.74
C ILE B 110 7.86 -1.72 -14.99
N GLY B 111 7.15 -1.63 -13.89
CA GLY B 111 6.88 -2.78 -13.03
C GLY B 111 7.41 -2.52 -11.64
N VAL B 112 6.61 -2.83 -10.63
CA VAL B 112 7.04 -2.54 -9.27
C VAL B 112 8.15 -3.43 -8.82
N GLU B 113 8.11 -4.71 -9.17
CA GLU B 113 9.20 -5.60 -8.72
C GLU B 113 10.53 -5.23 -9.39
N GLU B 114 10.46 -4.76 -10.65
CA GLU B 114 11.64 -4.34 -11.41
C GLU B 114 12.26 -3.07 -10.81
N VAL B 115 11.43 -2.05 -10.57
CA VAL B 115 11.94 -0.82 -9.98
C VAL B 115 12.44 -1.05 -8.55
N ARG B 116 11.77 -1.91 -7.80
CA ARG B 116 12.22 -2.27 -6.46
C ARG B 116 13.63 -2.88 -6.52
N ALA B 117 13.86 -3.78 -7.44
CA ALA B 117 15.20 -4.35 -7.62
C ALA B 117 16.27 -3.27 -7.90
N LEU B 118 15.95 -2.33 -8.79
CA LEU B 118 16.89 -1.26 -9.09
C LEU B 118 17.13 -0.38 -7.84
N ASN B 119 16.04 0.02 -7.16
CA ASN B 119 16.16 0.82 -5.93
C ASN B 119 17.06 0.12 -4.91
N GLU B 120 16.87 -1.18 -4.73
CA GLU B 120 17.64 -1.93 -3.80
C GLU B 120 19.12 -1.90 -4.15
N PHE B 121 19.44 -2.04 -5.41
CA PHE B 121 20.84 -2.00 -5.84
C PHE B 121 21.44 -0.63 -5.53
N ALA B 122 20.64 0.42 -5.75
CA ALA B 122 21.14 1.79 -5.55
C ALA B 122 21.36 2.17 -4.12
N ILE B 123 20.54 1.67 -3.21
CA ILE B 123 20.61 2.13 -1.82
C ILE B 123 21.41 1.24 -0.88
N ASN B 124 21.71 0.01 -1.32
CA ASN B 124 22.51 -0.93 -0.53
C ASN B 124 22.13 -1.00 0.94
N GLY B 125 20.81 -1.18 1.18
CA GLY B 125 20.26 -1.34 2.50
C GLY B 125 19.90 -0.09 3.29
N LEU B 126 20.15 1.08 2.73
CA LEU B 126 19.85 2.32 3.41
C LEU B 126 18.38 2.79 3.21
N TYR B 127 17.54 2.30 4.09
CA TYR B 127 16.12 2.69 4.10
C TYR B 127 15.88 3.82 5.05
N PRO B 128 14.90 4.66 4.75
CA PRO B 128 14.58 5.67 5.72
C PRO B 128 14.15 5.13 7.07
N ASP B 129 14.54 5.87 8.11
CA ASP B 129 14.05 5.56 9.48
C ASP B 129 12.60 5.93 9.63
N LEU B 130 12.17 6.93 8.87
CA LEU B 130 10.82 7.44 8.90
C LEU B 130 10.48 8.06 7.54
N THR B 131 9.30 7.74 7.03
CA THR B 131 8.83 8.35 5.77
C THR B 131 7.45 8.96 6.02
N ILE B 132 7.34 10.23 5.71
CA ILE B 132 6.12 10.98 5.80
C ILE B 132 5.42 10.88 4.42
N TYR B 133 4.26 10.25 4.36
CA TYR B 133 3.50 10.22 3.12
C TYR B 133 2.41 11.30 3.23
N LEU B 134 2.43 12.28 2.34
CA LEU B 134 1.43 13.32 2.23
C LEU B 134 0.33 12.75 1.37
N ASN B 135 -0.67 12.24 2.05
CA ASN B 135 -1.79 11.49 1.46
C ASN B 135 -2.87 12.42 1.03
N VAL B 136 -2.88 12.71 -0.28
CA VAL B 136 -3.90 13.62 -0.84
C VAL B 136 -4.82 12.83 -1.75
N SER B 137 -6.10 13.18 -1.77
N SER B 137 -6.10 13.18 -1.76
CA SER B 137 -7.03 12.55 -2.69
CA SER B 137 -7.06 12.60 -2.68
C SER B 137 -6.76 13.14 -4.08
C SER B 137 -6.73 13.13 -4.08
N ALA B 138 -7.09 12.40 -5.12
CA ALA B 138 -6.83 12.87 -6.50
C ALA B 138 -7.47 14.17 -6.79
N GLU B 139 -8.68 14.37 -6.24
CA GLU B 139 -9.47 15.59 -6.55
C GLU B 139 -8.85 16.84 -5.89
N VAL B 140 -8.44 16.72 -4.62
CA VAL B 140 -7.81 17.86 -3.94
C VAL B 140 -6.45 18.13 -4.61
N GLY B 141 -5.70 17.07 -4.93
CA GLY B 141 -4.41 17.19 -5.58
C GLY B 141 -4.55 17.91 -6.91
N ARG B 142 -5.54 17.53 -7.70
CA ARG B 142 -5.84 18.16 -8.98
C ARG B 142 -6.07 19.68 -8.79
N GLU B 143 -6.97 20.04 -7.88
CA GLU B 143 -7.26 21.41 -7.62
C GLU B 143 -6.07 22.20 -7.10
N ARG B 144 -5.21 21.57 -6.29
CA ARG B 144 -3.98 22.27 -5.86
C ARG B 144 -3.06 22.57 -7.04
N ILE B 145 -2.89 21.59 -7.93
CA ILE B 145 -2.07 21.78 -9.10
C ILE B 145 -2.62 22.91 -9.92
N ILE B 146 -3.92 22.93 -10.17
CA ILE B 146 -4.54 24.03 -10.96
C ILE B 146 -4.32 25.36 -10.23
N LYS B 147 -4.58 25.37 -8.92
CA LYS B 147 -4.34 26.58 -8.14
C LYS B 147 -2.92 27.13 -8.29
N ASN B 148 -1.92 26.25 -8.26
CA ASN B 148 -0.51 26.64 -8.35
C ASN B 148 0.06 26.89 -9.76
N SER B 149 -0.68 26.46 -10.79
CA SER B 149 -0.28 26.62 -12.18
C SER B 149 -0.60 28.02 -12.61
N ARG B 150 0.38 28.74 -13.13
CA ARG B 150 0.12 30.07 -13.60
C ARG B 150 -0.39 30.05 -15.04
N ASP B 151 -0.08 28.99 -15.77
CA ASP B 151 -0.42 28.92 -17.20
C ASP B 151 -1.63 28.00 -17.55
N GLN B 152 -2.15 27.25 -16.56
CA GLN B 152 -3.28 26.33 -16.76
C GLN B 152 -4.44 26.62 -15.82
N ASN B 153 -5.64 26.54 -16.36
CA ASN B 153 -6.88 26.76 -15.65
C ASN B 153 -7.64 25.41 -15.48
N ARG B 154 -7.24 24.38 -16.25
N ARG B 154 -7.26 24.40 -16.29
CA ARG B 154 -7.79 23.01 -16.19
CA ARG B 154 -7.83 23.04 -16.29
C ARG B 154 -6.66 22.09 -16.60
C ARG B 154 -6.67 22.08 -16.63
N LEU B 155 -6.67 20.83 -16.13
CA LEU B 155 -5.60 19.85 -16.51
C LEU B 155 -6.13 19.01 -17.70
N ASP B 156 -5.26 18.49 -18.57
CA ASP B 156 -5.83 17.68 -19.64
C ASP B 156 -5.97 16.22 -19.17
N GLN B 157 -6.87 15.50 -19.83
CA GLN B 157 -7.18 14.10 -19.54
C GLN B 157 -6.03 13.19 -19.23
N GLU B 158 -5.01 13.27 -20.09
CA GLU B 158 -3.82 12.45 -19.94
C GLU B 158 -3.15 12.68 -18.61
N ASP B 159 -2.97 13.96 -18.26
CA ASP B 159 -2.34 14.37 -17.00
C ASP B 159 -3.21 13.91 -15.77
N LEU B 160 -4.53 13.98 -15.91
CA LEU B 160 -5.44 13.57 -14.84
C LEU B 160 -5.32 12.08 -14.58
N LYS B 161 -5.36 11.31 -15.65
CA LYS B 161 -5.19 9.86 -15.54
C LYS B 161 -3.82 9.50 -14.92
N PHE B 162 -2.76 10.20 -15.32
CA PHE B 162 -1.45 9.84 -14.81
C PHE B 162 -1.36 10.13 -13.31
N HIS B 163 -1.91 11.28 -12.90
N HIS B 163 -1.88 11.28 -12.88
CA HIS B 163 -1.95 11.71 -11.50
CA HIS B 163 -1.85 11.62 -11.46
C HIS B 163 -2.67 10.65 -10.66
C HIS B 163 -2.66 10.63 -10.62
N GLU B 164 -3.75 10.11 -11.20
CA GLU B 164 -4.56 9.09 -10.49
C GLU B 164 -3.74 7.81 -10.28
N LYS B 165 -3.00 7.44 -11.35
CA LYS B 165 -2.13 6.25 -11.31
C LYS B 165 -1.00 6.38 -10.28
N VAL B 166 -0.41 7.54 -10.16
CA VAL B 166 0.66 7.74 -9.18
C VAL B 166 0.07 7.58 -7.76
N ILE B 167 -1.11 8.15 -7.53
CA ILE B 167 -1.76 8.03 -6.20
C ILE B 167 -2.06 6.58 -5.92
N GLU B 168 -2.58 5.86 -6.93
CA GLU B 168 -2.88 4.46 -6.78
C GLU B 168 -1.61 3.67 -6.42
N GLY B 169 -0.48 4.07 -6.99
CA GLY B 169 0.80 3.40 -6.69
C GLY B 169 1.20 3.64 -5.24
N TYR B 170 1.10 4.89 -4.80
CA TYR B 170 1.39 5.18 -3.41
C TYR B 170 0.44 4.45 -2.46
N GLN B 171 -0.83 4.34 -2.82
CA GLN B 171 -1.79 3.59 -1.98
C GLN B 171 -1.39 2.11 -1.84
N GLU B 172 -0.84 1.50 -2.88
CA GLU B 172 -0.40 0.13 -2.76
C GLU B 172 0.79 0.02 -1.82
N ILE B 173 1.66 1.01 -1.87
CA ILE B 173 2.85 1.01 -1.03
C ILE B 173 2.57 1.16 0.46
N ILE B 174 1.52 1.91 0.82
CA ILE B 174 1.22 2.06 2.22
C ILE B 174 0.24 0.96 2.74
N HIS B 175 -0.39 0.25 1.80
CA HIS B 175 -1.23 -0.90 2.12
C HIS B 175 -0.30 -2.00 2.67
N ASN B 176 1.01 -1.87 2.41
CA ASN B 176 1.98 -2.81 2.92
C ASN B 176 2.15 -2.64 4.46
N GLU B 177 1.69 -1.49 5.00
CA GLU B 177 1.77 -1.17 6.45
C GLU B 177 3.16 -1.30 7.09
N SER B 178 4.21 -0.79 6.42
CA SER B 178 5.60 -0.85 6.99
C SER B 178 5.61 0.15 8.11
N GLN B 179 6.30 -0.14 9.23
CA GLN B 179 6.29 0.79 10.32
C GLN B 179 6.91 2.14 9.98
N ARG B 180 7.83 2.22 9.00
CA ARG B 180 8.47 3.55 8.70
C ARG B 180 7.50 4.50 8.10
N PHE B 181 6.46 4.00 7.46
CA PHE B 181 5.51 4.93 6.90
C PHE B 181 4.56 5.55 7.87
N LYS B 182 4.42 6.85 7.72
CA LYS B 182 3.43 7.55 8.49
C LYS B 182 2.66 8.43 7.51
N SER B 183 1.37 8.20 7.43
N SER B 183 1.37 8.20 7.43
CA SER B 183 0.48 8.95 6.57
CA SER B 183 0.50 8.98 6.58
C SER B 183 -0.12 10.20 7.24
C SER B 183 0.11 10.26 7.31
N VAL B 184 0.00 11.33 6.53
CA VAL B 184 -0.51 12.63 6.96
C VAL B 184 -1.63 13.00 5.97
N ASN B 185 -2.78 13.46 6.49
CA ASN B 185 -3.90 13.84 5.65
C ASN B 185 -3.60 15.16 4.95
N ALA B 186 -3.21 15.07 3.68
CA ALA B 186 -2.85 16.21 2.87
C ALA B 186 -4.04 16.89 2.19
N ASP B 187 -5.26 16.42 2.44
CA ASP B 187 -6.48 17.10 1.97
C ASP B 187 -6.79 18.34 2.84
N GLN B 188 -6.17 18.42 4.02
CA GLN B 188 -6.39 19.55 4.90
C GLN B 188 -5.70 20.83 4.38
N PRO B 189 -6.09 22.00 4.92
CA PRO B 189 -5.32 23.20 4.59
C PRO B 189 -3.82 22.98 4.93
N LEU B 190 -2.94 23.60 4.15
CA LEU B 190 -1.51 23.41 4.33
C LEU B 190 -1.02 23.71 5.76
N GLU B 191 -1.58 24.73 6.42
CA GLU B 191 -1.15 25.01 7.80
C GLU B 191 -1.32 23.74 8.67
N ASN B 192 -2.37 23.00 8.45
CA ASN B 192 -2.66 21.80 9.25
C ASN B 192 -1.78 20.61 8.82
N VAL B 193 -1.48 20.55 7.52
CA VAL B 193 -0.61 19.52 6.99
C VAL B 193 0.82 19.68 7.62
N VAL B 194 1.28 20.91 7.65
CA VAL B 194 2.56 21.27 8.26
C VAL B 194 2.59 20.89 9.73
N GLU B 195 1.56 21.27 10.46
CA GLU B 195 1.52 20.97 11.85
C GLU B 195 1.52 19.48 12.13
N ASP B 196 0.70 18.73 11.38
CA ASP B 196 0.61 17.27 11.60
C ASP B 196 1.93 16.58 11.26
N THR B 197 2.59 17.05 10.21
CA THR B 197 3.88 16.49 9.81
C THR B 197 4.93 16.77 10.86
N TYR B 198 4.97 18.01 11.33
CA TYR B 198 5.92 18.39 12.34
C TYR B 198 5.71 17.57 13.60
N GLN B 199 4.45 17.41 14.03
CA GLN B 199 4.18 16.59 15.26
C GLN B 199 4.60 15.14 15.01
N THR B 200 4.39 14.61 13.81
CA THR B 200 4.81 13.22 13.50
C THR B 200 6.32 13.05 13.65
N ILE B 201 7.05 14.02 13.16
CA ILE B 201 8.50 13.99 13.20
C ILE B 201 9.01 14.12 14.62
N ILE B 202 8.49 15.10 15.37
CA ILE B 202 9.00 15.25 16.72
C ILE B 202 8.71 14.03 17.61
N LYS B 203 7.56 13.39 17.41
CA LYS B 203 7.21 12.17 18.15
C LYS B 203 8.29 11.10 17.90
N TYR B 204 8.68 10.95 16.63
CA TYR B 204 9.69 9.96 16.28
C TYR B 204 11.06 10.31 16.90
N LEU B 205 11.48 11.56 16.76
CA LEU B 205 12.78 11.98 17.29
C LEU B 205 12.89 11.92 18.80
N GLU B 206 11.79 12.16 19.51
CA GLU B 206 11.85 12.17 20.96
C GLU B 206 11.61 10.80 21.57
N LYS B 207 11.32 9.80 20.74
CA LYS B 207 11.03 8.43 21.24
C LYS B 207 12.18 7.81 22.06
#